data_8SPM
#
_entry.id   8SPM
#
_cell.length_a   66.420
_cell.length_b   66.420
_cell.length_c   267.770
_cell.angle_alpha   90.00
_cell.angle_beta   90.00
_cell.angle_gamma   90.00
#
_symmetry.space_group_name_H-M   'P 41 2 2'
#
loop_
_entity.id
_entity.type
_entity.pdbx_description
1 polymer 'Nickel ABC transporter, nickel/metallophore periplasmic binding protein'
2 non-polymer 'Aspergillomarasmine A'
3 non-polymer 'NICKEL (II) ION'
4 water water
#
_entity_poly.entity_id   1
_entity_poly.type   'polypeptide(L)'
_entity_poly.pdbx_seq_one_letter_code
;APDEITTAWPVNVGPLNPHLYTPNQMFAQSMVYEPLVKYQADGSVIPWLAKSWTHSEDGKTWTFTLRDDVKFSNGEPFDA
EAAAENFRAVLDNRQRHAWLELANQIVDVKALSKTELQITLKSAYYPFLQELALPRPFRFIAPSQFKNHETMNGIKAPIG
TGPWILQESKLNQYDVFVRNENYWGEKPAIKKITFNVIPDPTTRAVAFETGDIDLLYGNEGLLPLDTFARFSQNPAYHTQ
LSQPIETVMLALNTAKAPTNELAVREALNYAVNKKSLIDNALYGTQQVADTLFAPSVPYANLGLKPSQYDPQKAKALLEK
AGWTLPAGKDIREKNGQPLRIELSFIGTDALSKSMAEIIQADMRQIGADVSLIGEEESSIYARQRDGRFGMIFHRTWGAP
YDPHAFLSSMRVPSHADFQAQQGLADKPLIDKEIGEVLATHDETQRQALYRDILTRLHDEAVYLPISYISMMVVSKPELG
NIPYAPIATEIPFEQIKPV
;
_entity_poly.pdbx_strand_id   A
#
loop_
_chem_comp.id
_chem_comp.type
_chem_comp.name
_chem_comp.formula
II1 non-polymer 'Aspergillomarasmine A' 'C10 H17 N3 O8'
NI non-polymer 'NICKEL (II) ION' 'Ni 2'
#
# COMPACT_ATOMS: atom_id res chain seq x y z
N ALA A 1 26.55 3.77 -20.03
CA ALA A 1 26.04 2.49 -20.54
C ALA A 1 24.51 2.56 -20.69
N PRO A 2 24.05 2.58 -21.94
CA PRO A 2 22.67 3.06 -22.22
C PRO A 2 21.60 2.13 -21.70
N ASP A 3 21.81 0.81 -21.82
CA ASP A 3 20.79 -0.16 -21.43
C ASP A 3 20.86 -0.52 -19.95
N GLU A 4 21.53 0.30 -19.15
CA GLU A 4 21.57 0.15 -17.70
C GLU A 4 21.12 1.47 -17.10
N ILE A 5 20.41 1.37 -15.98
CA ILE A 5 19.87 2.53 -15.29
C ILE A 5 20.16 2.39 -13.82
N THR A 6 20.43 3.51 -13.17
CA THR A 6 20.55 3.57 -11.71
C THR A 6 19.40 4.37 -11.12
N THR A 7 18.87 3.92 -10.01
CA THR A 7 17.77 4.64 -9.33
C THR A 7 18.03 4.63 -7.81
N ALA A 8 17.01 4.91 -7.00
CA ALA A 8 17.25 5.05 -5.57
C ALA A 8 15.98 4.71 -4.77
N TRP A 9 16.18 4.33 -3.51
CA TRP A 9 15.07 3.90 -2.66
C TRP A 9 15.44 4.12 -1.19
N PRO A 10 14.46 4.41 -0.32
CA PRO A 10 14.78 4.73 1.09
C PRO A 10 15.47 3.62 1.88
N VAL A 11 15.22 2.35 1.52
CA VAL A 11 15.73 1.17 2.23
C VAL A 11 16.16 0.13 1.19
N ASN A 12 16.70 -0.98 1.68
CA ASN A 12 17.08 -2.10 0.83
C ASN A 12 15.84 -2.86 0.38
N VAL A 13 16.01 -3.75 -0.60
CA VAL A 13 14.85 -4.49 -1.08
C VAL A 13 14.43 -5.56 -0.09
N GLY A 14 15.31 -5.95 0.84
CA GLY A 14 15.02 -7.01 1.77
C GLY A 14 15.40 -8.38 1.25
N PRO A 15 15.17 -9.41 2.08
CA PRO A 15 15.53 -10.77 1.67
C PRO A 15 14.84 -11.23 0.39
N LEU A 16 13.77 -10.57 -0.04
CA LEU A 16 12.96 -11.00 -1.19
C LEU A 16 12.36 -12.39 -0.94
N ASN A 17 11.92 -12.64 0.29
CA ASN A 17 11.03 -13.77 0.52
C ASN A 17 9.68 -13.47 -0.13
N PRO A 18 9.20 -14.29 -1.07
CA PRO A 18 7.92 -13.96 -1.72
C PRO A 18 6.69 -14.05 -0.82
N HIS A 19 6.77 -14.72 0.35
CA HIS A 19 5.58 -14.96 1.18
C HIS A 19 5.61 -14.22 2.50
N LEU A 20 6.51 -13.23 2.67
CA LEU A 20 6.58 -12.39 3.88
C LEU A 20 6.51 -10.92 3.46
N TYR A 21 6.45 -10.02 4.44
CA TYR A 21 6.10 -8.60 4.30
C TYR A 21 7.34 -7.74 4.59
N THR A 22 7.13 -6.53 5.09
CA THR A 22 8.26 -5.70 5.45
C THR A 22 9.18 -6.52 6.35
N PRO A 23 10.49 -6.52 6.11
CA PRO A 23 11.26 -5.60 5.25
C PRO A 23 11.29 -5.86 3.72
N ASN A 24 10.70 -6.94 3.21
CA ASN A 24 10.60 -7.12 1.76
C ASN A 24 9.82 -5.99 1.09
N GLN A 25 10.39 -5.40 0.05
CA GLN A 25 9.73 -4.31 -0.69
C GLN A 25 8.92 -4.89 -1.83
N MET A 26 7.67 -4.41 -1.96
CA MET A 26 6.75 -5.05 -2.90
C MET A 26 7.20 -4.88 -4.35
N PHE A 27 7.73 -3.70 -4.69
CA PHE A 27 8.17 -3.52 -6.07
C PHE A 27 9.23 -4.54 -6.41
N ALA A 28 9.99 -5.00 -5.41
CA ALA A 28 11.10 -5.89 -5.69
C ALA A 28 10.65 -7.32 -5.77
N GLN A 29 9.75 -7.72 -4.87
CA GLN A 29 9.08 -9.02 -4.97
C GLN A 29 8.45 -9.20 -6.34
N SER A 30 7.85 -8.14 -6.89
CA SER A 30 7.19 -8.20 -8.17
C SER A 30 8.14 -8.24 -9.35
N MET A 31 9.39 -7.79 -9.18
CA MET A 31 10.37 -7.91 -10.25
C MET A 31 10.80 -9.35 -10.43
N VAL A 32 10.83 -10.11 -9.33
CA VAL A 32 11.44 -11.43 -9.31
C VAL A 32 10.40 -12.55 -9.37
N TYR A 33 9.26 -12.39 -8.70
CA TYR A 33 8.20 -13.39 -8.65
C TYR A 33 6.97 -12.97 -9.44
N GLU A 34 6.22 -13.96 -9.89
CA GLU A 34 5.08 -13.71 -10.77
C GLU A 34 3.82 -14.46 -10.32
N PRO A 35 2.64 -13.92 -10.63
CA PRO A 35 1.40 -14.58 -10.28
C PRO A 35 0.92 -15.55 -11.36
N LEU A 36 -0.12 -16.31 -11.00
CA LEU A 36 -0.78 -17.15 -11.99
C LEU A 36 -1.53 -16.30 -13.03
N VAL A 37 -2.12 -15.19 -12.60
CA VAL A 37 -2.88 -14.29 -13.45
C VAL A 37 -2.40 -12.88 -13.14
N LYS A 38 -2.42 -12.02 -14.16
CA LYS A 38 -1.82 -10.69 -14.04
C LYS A 38 -2.94 -9.65 -14.04
N TYR A 39 -2.84 -8.68 -13.13
CA TYR A 39 -3.86 -7.65 -13.02
C TYR A 39 -3.70 -6.61 -14.13
N GLN A 40 -4.85 -6.14 -14.65
CA GLN A 40 -4.91 -5.12 -15.69
C GLN A 40 -5.60 -3.84 -15.20
N ALA A 41 -5.19 -2.71 -15.81
CA ALA A 41 -5.73 -1.38 -15.48
C ALA A 41 -7.25 -1.33 -15.55
N ASP A 42 -7.86 -2.08 -16.48
CA ASP A 42 -9.31 -2.08 -16.62
C ASP A 42 -10.03 -2.92 -15.56
N GLY A 43 -9.30 -3.53 -14.62
CA GLY A 43 -9.92 -4.25 -13.52
C GLY A 43 -9.96 -5.75 -13.67
N SER A 44 -9.63 -6.30 -14.83
CA SER A 44 -9.65 -7.74 -15.03
C SER A 44 -8.27 -8.36 -14.81
N VAL A 45 -8.17 -9.66 -15.06
CA VAL A 45 -6.87 -10.33 -15.09
C VAL A 45 -6.74 -11.02 -16.43
N ILE A 46 -5.49 -11.27 -16.81
CA ILE A 46 -5.18 -12.05 -18.01
C ILE A 46 -4.36 -13.27 -17.58
N PRO A 47 -4.41 -14.33 -18.38
CA PRO A 47 -3.44 -15.43 -18.23
C PRO A 47 -2.02 -14.94 -18.00
N TRP A 48 -1.31 -15.58 -17.07
CA TRP A 48 0.10 -15.28 -16.90
C TRP A 48 0.82 -16.61 -16.78
N LEU A 49 1.20 -17.01 -15.56
CA LEU A 49 1.73 -18.37 -15.40
C LEU A 49 0.65 -19.42 -15.70
N ALA A 50 -0.62 -19.07 -15.53
CA ALA A 50 -1.73 -19.95 -15.87
C ALA A 50 -2.22 -19.56 -17.27
N LYS A 51 -2.04 -20.47 -18.24
CA LYS A 51 -2.45 -20.23 -19.62
C LYS A 51 -3.97 -20.07 -19.73
N SER A 52 -4.72 -20.79 -18.89
CA SER A 52 -6.17 -20.95 -19.04
C SER A 52 -6.70 -21.59 -17.76
N TRP A 53 -8.02 -21.58 -17.59
CA TRP A 53 -8.60 -22.18 -16.41
C TRP A 53 -10.09 -22.45 -16.61
N THR A 54 -10.60 -23.41 -15.83
CA THR A 54 -12.02 -23.73 -15.71
C THR A 54 -12.39 -23.81 -14.25
N HIS A 55 -13.70 -23.88 -13.98
CA HIS A 55 -14.20 -24.02 -12.61
C HIS A 55 -15.54 -24.74 -12.61
N SER A 56 -15.94 -25.22 -11.43
CA SER A 56 -17.10 -26.09 -11.27
C SER A 56 -18.39 -25.29 -11.23
N GLU A 57 -19.53 -26.00 -11.38
CA GLU A 57 -20.83 -25.35 -11.29
C GLU A 57 -20.92 -24.44 -10.06
N ASP A 58 -20.57 -24.96 -8.89
CA ASP A 58 -20.70 -24.23 -7.63
C ASP A 58 -19.63 -23.17 -7.43
N GLY A 59 -18.64 -23.11 -8.32
CA GLY A 59 -17.58 -22.11 -8.23
C GLY A 59 -16.55 -22.34 -7.14
N LYS A 60 -16.62 -23.47 -6.41
CA LYS A 60 -15.65 -23.75 -5.36
C LYS A 60 -14.35 -24.37 -5.88
N THR A 61 -14.38 -25.14 -6.99
CA THR A 61 -13.19 -25.82 -7.48
C THR A 61 -12.67 -25.23 -8.80
N TRP A 62 -11.39 -24.85 -8.82
CA TRP A 62 -10.76 -24.23 -9.98
C TRP A 62 -9.58 -25.07 -10.44
N THR A 63 -9.56 -25.39 -11.74
CA THR A 63 -8.45 -26.11 -12.37
C THR A 63 -7.65 -25.16 -13.27
N PHE A 64 -6.36 -24.97 -12.95
CA PHE A 64 -5.50 -24.06 -13.70
C PHE A 64 -4.52 -24.85 -14.56
N THR A 65 -4.56 -24.60 -15.87
CA THR A 65 -3.61 -25.17 -16.83
C THR A 65 -2.42 -24.22 -16.97
N LEU A 66 -1.29 -24.61 -16.38
CA LEU A 66 -0.06 -23.83 -16.41
C LEU A 66 0.66 -23.97 -17.75
N ARG A 67 1.54 -23.02 -18.04
CA ARG A 67 2.38 -23.09 -19.23
C ARG A 67 3.46 -24.15 -19.03
N ASP A 68 3.85 -24.79 -20.12
CA ASP A 68 4.91 -25.79 -20.02
C ASP A 68 6.29 -25.24 -20.31
N ASP A 69 6.40 -23.94 -20.58
CA ASP A 69 7.66 -23.37 -21.04
C ASP A 69 8.29 -22.42 -20.03
N VAL A 70 7.79 -22.36 -18.78
CA VAL A 70 8.38 -21.46 -17.80
C VAL A 70 9.48 -22.17 -17.03
N LYS A 71 10.60 -21.48 -16.86
CA LYS A 71 11.67 -21.93 -16.00
C LYS A 71 11.92 -20.89 -14.91
N PHE A 72 12.27 -21.37 -13.71
CA PHE A 72 12.80 -20.44 -12.72
C PHE A 72 14.16 -19.95 -13.20
N SER A 73 14.61 -18.83 -12.63
CA SER A 73 15.81 -18.18 -13.15
C SER A 73 17.06 -19.02 -12.99
N ASN A 74 17.03 -20.08 -12.20
CA ASN A 74 18.17 -20.98 -12.13
C ASN A 74 18.05 -22.17 -13.10
N GLY A 75 17.01 -22.22 -13.94
CA GLY A 75 16.82 -23.34 -14.85
C GLY A 75 15.85 -24.42 -14.38
N GLU A 76 15.36 -24.34 -13.16
CA GLU A 76 14.47 -25.43 -12.77
C GLU A 76 13.08 -25.16 -13.31
N PRO A 77 12.30 -26.21 -13.53
CA PRO A 77 10.97 -26.03 -14.14
C PRO A 77 9.97 -25.46 -13.16
N PHE A 78 9.14 -24.55 -13.68
CA PHE A 78 7.91 -24.18 -12.99
C PHE A 78 6.80 -25.07 -13.53
N ASP A 79 6.19 -25.86 -12.64
CA ASP A 79 5.11 -26.78 -12.99
C ASP A 79 4.08 -26.77 -11.87
N ALA A 80 3.09 -27.67 -11.96
CA ALA A 80 2.01 -27.70 -10.98
C ALA A 80 2.50 -28.13 -9.61
N GLU A 81 3.48 -29.03 -9.56
CA GLU A 81 4.08 -29.44 -8.30
C GLU A 81 4.73 -28.27 -7.60
N ALA A 82 5.52 -27.49 -8.35
CA ALA A 82 6.18 -26.32 -7.76
C ALA A 82 5.15 -25.32 -7.23
N ALA A 83 4.08 -25.07 -7.98
CA ALA A 83 3.11 -24.07 -7.52
C ALA A 83 2.37 -24.57 -6.29
N ALA A 84 2.03 -25.85 -6.25
CA ALA A 84 1.39 -26.43 -5.07
C ALA A 84 2.28 -26.30 -3.83
N GLU A 85 3.56 -26.65 -3.97
CA GLU A 85 4.51 -26.44 -2.88
C GLU A 85 4.52 -25.00 -2.40
N ASN A 86 4.47 -24.05 -3.33
CA ASN A 86 4.45 -22.65 -2.89
C ASN A 86 3.22 -22.38 -2.05
N PHE A 87 2.03 -22.70 -2.58
CA PHE A 87 0.78 -22.48 -1.86
C PHE A 87 0.82 -23.18 -0.50
N ARG A 88 1.49 -24.33 -0.41
CA ARG A 88 1.55 -25.03 0.86
C ARG A 88 2.40 -24.25 1.85
N ALA A 89 3.58 -23.76 1.40
CA ALA A 89 4.41 -22.94 2.26
C ALA A 89 3.66 -21.70 2.72
N VAL A 90 2.87 -21.10 1.82
CA VAL A 90 2.13 -19.88 2.19
C VAL A 90 1.09 -20.20 3.27
N LEU A 91 0.29 -21.24 3.06
CA LEU A 91 -0.81 -21.57 3.95
C LEU A 91 -0.37 -22.26 5.24
N ASP A 92 0.83 -22.85 5.27
CA ASP A 92 1.45 -23.24 6.53
C ASP A 92 1.67 -22.07 7.47
N ASN A 93 1.66 -20.85 6.95
CA ASN A 93 1.73 -19.63 7.75
C ASN A 93 0.41 -18.88 7.66
N ARG A 94 -0.71 -19.61 7.54
CA ARG A 94 -1.97 -19.02 7.11
C ARG A 94 -2.36 -17.81 7.96
N GLN A 95 -2.18 -17.89 9.28
CA GLN A 95 -2.61 -16.78 10.12
C GLN A 95 -1.94 -15.45 9.72
N ARG A 96 -0.69 -15.49 9.27
CA ARG A 96 -0.01 -14.25 8.89
C ARG A 96 -0.71 -13.54 7.74
N HIS A 97 -1.52 -14.26 6.97
CA HIS A 97 -2.13 -13.69 5.77
C HIS A 97 -3.64 -13.52 5.92
N ALA A 98 -4.15 -13.73 7.14
CA ALA A 98 -5.59 -13.59 7.42
C ALA A 98 -6.16 -12.21 7.02
N TRP A 99 -5.33 -11.15 6.92
CA TRP A 99 -5.86 -9.87 6.44
C TRP A 99 -6.46 -10.00 5.05
N LEU A 100 -5.93 -10.90 4.22
CA LEU A 100 -6.38 -11.09 2.84
C LEU A 100 -7.30 -12.32 2.78
N GLU A 101 -8.56 -12.12 2.36
CA GLU A 101 -9.59 -13.13 2.55
C GLU A 101 -9.32 -14.42 1.77
N LEU A 102 -8.69 -14.32 0.59
CA LEU A 102 -8.29 -15.53 -0.15
C LEU A 102 -7.52 -16.49 0.75
N ALA A 103 -6.65 -15.95 1.62
CA ALA A 103 -5.88 -16.79 2.53
C ALA A 103 -6.76 -17.55 3.47
N ASN A 104 -7.96 -17.06 3.74
CA ASN A 104 -8.91 -17.77 4.58
C ASN A 104 -9.78 -18.73 3.77
N GLN A 105 -9.82 -18.59 2.44
CA GLN A 105 -10.73 -19.34 1.60
C GLN A 105 -10.14 -20.63 1.03
N ILE A 106 -8.81 -20.74 0.91
CA ILE A 106 -8.21 -21.87 0.21
C ILE A 106 -8.22 -23.07 1.13
N VAL A 107 -9.02 -24.08 0.77
CA VAL A 107 -9.01 -25.35 1.50
C VAL A 107 -7.90 -26.27 1.03
N ASP A 108 -7.66 -26.35 -0.28
CA ASP A 108 -6.75 -27.34 -0.78
C ASP A 108 -6.12 -26.92 -2.11
N VAL A 109 -4.83 -27.24 -2.30
CA VAL A 109 -4.14 -27.00 -3.56
C VAL A 109 -3.46 -28.28 -4.02
N LYS A 110 -3.93 -28.84 -5.14
CA LYS A 110 -3.52 -30.15 -5.63
C LYS A 110 -2.85 -30.01 -7.00
N ALA A 111 -1.72 -30.71 -7.19
CA ALA A 111 -1.14 -30.89 -8.52
C ALA A 111 -1.73 -32.14 -9.13
N LEU A 112 -2.36 -32.01 -10.30
CA LEU A 112 -2.97 -33.13 -11.01
C LEU A 112 -2.06 -33.73 -12.08
N SER A 113 -1.33 -32.90 -12.82
CA SER A 113 -0.29 -33.34 -13.74
C SER A 113 0.84 -32.32 -13.64
N LYS A 114 1.80 -32.43 -14.58
CA LYS A 114 2.84 -31.39 -14.69
C LYS A 114 2.23 -30.03 -15.02
N THR A 115 1.11 -29.99 -15.76
CA THR A 115 0.49 -28.74 -16.16
C THR A 115 -0.85 -28.41 -15.49
N GLU A 116 -1.37 -29.23 -14.59
CA GLU A 116 -2.70 -28.95 -14.06
C GLU A 116 -2.68 -28.76 -12.54
N LEU A 117 -3.06 -27.57 -12.09
CA LEU A 117 -3.06 -27.19 -10.68
C LEU A 117 -4.49 -26.91 -10.25
N GLN A 118 -4.95 -27.63 -9.24
CA GLN A 118 -6.32 -27.54 -8.78
C GLN A 118 -6.40 -26.83 -7.44
N ILE A 119 -7.20 -25.77 -7.37
CA ILE A 119 -7.37 -24.97 -6.17
C ILE A 119 -8.82 -25.06 -5.72
N THR A 120 -9.03 -25.35 -4.44
CA THR A 120 -10.34 -25.60 -3.87
C THR A 120 -10.63 -24.59 -2.78
N LEU A 121 -11.69 -23.82 -2.96
CA LEU A 121 -12.09 -22.79 -2.01
C LEU A 121 -13.28 -23.29 -1.20
N LYS A 122 -13.52 -22.65 -0.05
CA LYS A 122 -14.65 -23.09 0.76
C LYS A 122 -15.94 -22.38 0.37
N SER A 123 -15.87 -21.40 -0.52
CA SER A 123 -17.07 -20.78 -1.09
C SER A 123 -16.68 -20.20 -2.44
N ALA A 124 -17.69 -19.82 -3.22
CA ALA A 124 -17.43 -19.17 -4.51
C ALA A 124 -17.01 -17.73 -4.26
N TYR A 125 -15.71 -17.56 -3.94
CA TYR A 125 -15.14 -16.29 -3.51
C TYR A 125 -14.82 -15.47 -4.75
N TYR A 126 -15.71 -14.51 -5.07
CA TYR A 126 -15.58 -13.78 -6.34
C TYR A 126 -14.25 -13.05 -6.54
N PRO A 127 -13.64 -12.39 -5.53
CA PRO A 127 -12.34 -11.74 -5.78
C PRO A 127 -11.13 -12.68 -5.92
N PHE A 128 -11.33 -13.99 -5.95
CA PHE A 128 -10.29 -15.00 -6.10
C PHE A 128 -9.16 -14.52 -7.00
N LEU A 129 -9.52 -14.23 -8.25
CA LEU A 129 -8.48 -14.06 -9.26
C LEU A 129 -7.69 -12.80 -9.03
N GLN A 130 -8.31 -11.72 -8.53
CA GLN A 130 -7.59 -10.47 -8.28
C GLN A 130 -6.56 -10.60 -7.16
N GLU A 131 -6.91 -11.34 -6.11
CA GLU A 131 -6.00 -11.58 -5.00
C GLU A 131 -4.86 -12.52 -5.39
N LEU A 132 -5.11 -13.46 -6.32
CA LEU A 132 -4.01 -14.25 -6.86
C LEU A 132 -3.01 -13.37 -7.61
N ALA A 133 -3.45 -12.22 -8.13
CA ALA A 133 -2.61 -11.33 -8.92
C ALA A 133 -1.77 -10.38 -8.08
N LEU A 134 -2.00 -10.30 -6.76
CA LEU A 134 -1.33 -9.30 -5.95
C LEU A 134 0.17 -9.55 -5.89
N PRO A 135 0.97 -8.51 -5.58
CA PRO A 135 2.42 -8.70 -5.39
C PRO A 135 2.78 -9.81 -4.44
N ARG A 136 1.99 -10.04 -3.38
CA ARG A 136 2.26 -11.08 -2.39
C ARG A 136 0.95 -11.38 -1.66
N PRO A 137 0.82 -12.56 -1.05
CA PRO A 137 1.79 -13.67 -0.92
C PRO A 137 1.79 -14.77 -1.99
N PHE A 138 0.95 -14.70 -3.02
CA PHE A 138 0.69 -15.91 -3.82
C PHE A 138 1.53 -15.98 -5.09
N ARG A 139 2.83 -15.68 -4.98
CA ARG A 139 3.76 -15.76 -6.09
C ARG A 139 4.78 -16.83 -5.76
N PHE A 140 5.64 -17.20 -6.74
CA PHE A 140 6.32 -18.50 -6.74
C PHE A 140 7.84 -18.39 -6.75
N ILE A 141 8.49 -18.91 -5.65
CA ILE A 141 9.92 -19.21 -5.53
C ILE A 141 10.11 -20.68 -5.89
N ALA A 142 11.24 -20.99 -6.51
CA ALA A 142 11.53 -22.40 -6.80
C ALA A 142 11.63 -23.19 -5.51
N PRO A 143 10.85 -24.28 -5.35
CA PRO A 143 10.88 -25.09 -4.12
C PRO A 143 12.28 -25.48 -3.64
N SER A 144 13.25 -25.56 -4.55
CA SER A 144 14.60 -25.91 -4.11
C SER A 144 15.16 -24.88 -3.14
N GLN A 145 14.57 -23.70 -3.06
CA GLN A 145 15.06 -22.61 -2.22
C GLN A 145 14.29 -22.46 -0.91
N PHE A 146 13.31 -23.33 -0.64
CA PHE A 146 12.77 -23.46 0.72
C PHE A 146 13.90 -23.75 1.71
N LYS A 147 13.64 -23.46 2.99
CA LYS A 147 14.44 -23.94 4.11
C LYS A 147 13.57 -24.91 4.90
N ASN A 148 14.01 -26.16 5.02
CA ASN A 148 13.23 -27.21 5.69
C ASN A 148 11.81 -27.30 5.13
N HIS A 149 11.69 -27.20 3.80
CA HIS A 149 10.42 -27.35 3.07
C HIS A 149 9.37 -26.34 3.55
N GLU A 150 9.83 -25.16 4.02
CA GLU A 150 8.98 -24.04 4.38
C GLU A 150 9.64 -22.78 3.85
N THR A 151 8.84 -21.71 3.71
CA THR A 151 9.39 -20.38 3.48
C THR A 151 9.12 -19.44 4.63
N MET A 152 8.25 -19.83 5.57
CA MET A 152 7.86 -18.89 6.61
C MET A 152 9.00 -18.57 7.56
N ASN A 153 10.07 -19.37 7.54
CA ASN A 153 11.26 -19.17 8.36
C ASN A 153 12.49 -18.79 7.53
N GLY A 154 12.30 -18.36 6.29
CA GLY A 154 13.39 -17.88 5.47
C GLY A 154 13.55 -18.71 4.20
N ILE A 155 14.32 -18.13 3.27
CA ILE A 155 14.57 -18.76 1.98
C ILE A 155 16.09 -18.86 1.79
N LYS A 156 16.50 -19.73 0.84
CA LYS A 156 17.87 -19.73 0.34
C LYS A 156 18.03 -18.57 -0.66
N ALA A 157 18.07 -18.88 -2.04
CA ALA A 157 18.17 -17.70 -2.90
C ALA A 157 16.79 -17.22 -3.37
N PRO A 158 16.63 -15.92 -3.68
CA PRO A 158 15.33 -15.40 -4.13
C PRO A 158 15.06 -15.74 -5.60
N ILE A 159 14.99 -17.03 -5.88
CA ILE A 159 14.94 -17.53 -7.26
C ILE A 159 13.48 -17.56 -7.70
N GLY A 160 13.09 -16.63 -8.60
CA GLY A 160 11.76 -16.59 -9.15
C GLY A 160 11.75 -16.92 -10.64
N THR A 161 10.56 -16.73 -11.25
CA THR A 161 10.41 -16.89 -12.69
C THR A 161 10.44 -15.56 -13.44
N GLY A 162 10.50 -14.42 -12.72
CA GLY A 162 10.29 -13.13 -13.34
C GLY A 162 11.43 -12.68 -14.25
N PRO A 163 11.29 -11.46 -14.79
CA PRO A 163 12.30 -10.93 -15.71
C PRO A 163 13.50 -10.30 -15.02
N TRP A 164 13.54 -10.16 -13.70
CA TRP A 164 14.69 -9.58 -13.01
C TRP A 164 15.25 -10.58 -12.01
N ILE A 165 16.56 -10.56 -11.82
CA ILE A 165 17.24 -11.43 -10.88
C ILE A 165 18.01 -10.56 -9.90
N LEU A 166 17.85 -10.83 -8.60
CA LEU A 166 18.62 -10.12 -7.60
C LEU A 166 20.05 -10.59 -7.68
N GLN A 167 20.94 -9.69 -8.07
CA GLN A 167 22.33 -10.07 -8.26
C GLN A 167 23.22 -9.72 -7.08
N GLU A 168 22.92 -8.64 -6.37
CA GLU A 168 23.77 -8.21 -5.28
C GLU A 168 22.98 -7.28 -4.36
N SER A 169 23.27 -7.39 -3.07
CA SER A 169 22.54 -6.71 -2.02
C SER A 169 23.58 -6.33 -0.96
N LYS A 170 23.92 -5.05 -0.87
CA LYS A 170 24.83 -4.52 0.15
C LYS A 170 24.00 -3.66 1.09
N LEU A 171 23.99 -4.04 2.37
CA LEU A 171 23.09 -3.41 3.34
C LEU A 171 23.35 -1.91 3.49
N ASN A 172 22.26 -1.13 3.53
CA ASN A 172 22.28 0.33 3.62
C ASN A 172 23.09 1.00 2.52
N GLN A 173 23.52 0.24 1.49
CA GLN A 173 24.26 0.80 0.36
C GLN A 173 23.51 0.66 -0.97
N TYR A 174 23.36 -0.55 -1.52
CA TYR A 174 22.66 -0.72 -2.79
C TYR A 174 22.10 -2.14 -2.93
N ASP A 175 21.21 -2.31 -3.91
CA ASP A 175 20.80 -3.61 -4.45
C ASP A 175 20.95 -3.56 -5.97
N VAL A 176 21.30 -4.68 -6.60
CA VAL A 176 21.49 -4.73 -8.04
C VAL A 176 20.66 -5.86 -8.64
N PHE A 177 19.91 -5.54 -9.72
CA PHE A 177 19.14 -6.51 -10.46
C PHE A 177 19.68 -6.60 -11.88
N VAL A 178 19.79 -7.81 -12.40
CA VAL A 178 20.10 -7.97 -13.81
C VAL A 178 18.93 -8.66 -14.51
N ARG A 179 18.84 -8.41 -15.81
CA ARG A 179 17.82 -9.01 -16.65
C ARG A 179 17.95 -10.53 -16.61
N ASN A 180 16.79 -11.21 -16.60
CA ASN A 180 16.73 -12.65 -16.74
C ASN A 180 16.76 -13.00 -18.22
N GLU A 181 17.90 -13.50 -18.72
CA GLU A 181 17.99 -13.80 -20.14
C GLU A 181 17.29 -15.10 -20.52
N ASN A 182 16.66 -15.77 -19.56
CA ASN A 182 15.87 -16.98 -19.81
C ASN A 182 14.43 -16.79 -19.35
N TYR A 183 13.98 -15.54 -19.36
CA TYR A 183 12.59 -15.20 -19.09
C TYR A 183 11.71 -15.72 -20.22
N TRP A 184 10.52 -16.19 -19.86
CA TRP A 184 9.67 -16.86 -20.82
C TRP A 184 8.91 -15.88 -21.72
N GLY A 185 8.73 -14.64 -21.28
CA GLY A 185 8.07 -13.62 -22.07
C GLY A 185 9.08 -12.72 -22.75
N GLU A 186 8.72 -11.43 -22.86
CA GLU A 186 9.53 -10.49 -23.61
C GLU A 186 10.80 -10.15 -22.86
N LYS A 187 11.92 -10.14 -23.55
CA LYS A 187 13.16 -9.73 -22.93
C LYS A 187 13.12 -8.23 -22.66
N PRO A 188 13.18 -7.77 -21.40
CA PRO A 188 13.23 -6.32 -21.15
C PRO A 188 14.40 -5.66 -21.86
N ALA A 189 14.20 -4.42 -22.29
CA ALA A 189 15.29 -3.73 -22.99
C ALA A 189 16.39 -3.24 -22.04
N ILE A 190 16.07 -3.01 -20.77
CA ILE A 190 17.08 -2.70 -19.76
C ILE A 190 17.80 -3.97 -19.33
N LYS A 191 19.13 -3.91 -19.28
CA LYS A 191 19.91 -5.07 -18.87
C LYS A 191 20.16 -5.14 -17.37
N LYS A 192 20.31 -3.99 -16.69
CA LYS A 192 20.72 -3.96 -15.29
C LYS A 192 20.12 -2.72 -14.64
N ILE A 193 19.69 -2.87 -13.38
CA ILE A 193 19.13 -1.79 -12.58
C ILE A 193 19.84 -1.79 -11.24
N THR A 194 20.38 -0.66 -10.85
CA THR A 194 21.02 -0.51 -9.55
C THR A 194 20.17 0.41 -8.69
N PHE A 195 19.83 -0.07 -7.49
CA PHE A 195 19.09 0.71 -6.49
C PHE A 195 20.10 1.19 -5.45
N ASN A 196 20.31 2.51 -5.39
CA ASN A 196 21.10 3.10 -4.30
C ASN A 196 20.21 3.33 -3.11
N VAL A 197 20.65 2.91 -1.92
CA VAL A 197 19.85 3.05 -0.70
C VAL A 197 20.12 4.44 -0.14
N ILE A 198 19.17 5.36 -0.33
CA ILE A 198 19.29 6.75 0.12
C ILE A 198 18.05 7.12 0.92
N PRO A 199 18.09 7.05 2.26
CA PRO A 199 16.88 7.33 3.05
C PRO A 199 16.48 8.79 3.15
N ASP A 200 17.41 9.75 3.00
CA ASP A 200 17.06 11.17 3.12
C ASP A 200 16.45 11.70 1.80
N PRO A 201 15.26 12.31 1.83
CA PRO A 201 14.63 12.73 0.56
C PRO A 201 15.38 13.86 -0.15
N THR A 202 16.05 14.75 0.60
CA THR A 202 16.90 15.76 -0.04
C THR A 202 18.11 15.10 -0.72
N THR A 203 18.69 14.06 -0.10
CA THR A 203 19.84 13.42 -0.75
C THR A 203 19.41 12.68 -2.01
N ARG A 204 18.17 12.15 -2.06
CA ARG A 204 17.71 11.54 -3.30
C ARG A 204 17.60 12.59 -4.38
N ALA A 205 17.07 13.76 -4.03
CA ALA A 205 16.93 14.85 -5.00
C ALA A 205 18.29 15.29 -5.55
N VAL A 206 19.27 15.49 -4.66
CA VAL A 206 20.62 15.85 -5.07
C VAL A 206 21.24 14.74 -5.91
N ALA A 207 21.00 13.48 -5.54
CA ALA A 207 21.51 12.39 -6.36
C ALA A 207 21.01 12.51 -7.79
N PHE A 208 19.76 12.95 -7.96
CA PHE A 208 19.24 13.07 -9.32
C PHE A 208 19.87 14.25 -10.06
N GLU A 209 19.88 15.46 -9.48
CA GLU A 209 20.39 16.56 -10.30
C GLU A 209 21.92 16.54 -10.44
N THR A 210 22.67 15.87 -9.55
CA THR A 210 24.09 15.69 -9.86
C THR A 210 24.28 14.74 -11.05
N GLY A 211 23.20 14.07 -11.49
CA GLY A 211 23.25 13.04 -12.49
C GLY A 211 23.66 11.68 -11.96
N ASP A 212 23.79 11.54 -10.63
CA ASP A 212 24.20 10.26 -10.05
C ASP A 212 23.17 9.16 -10.27
N ILE A 213 21.88 9.49 -10.45
CA ILE A 213 20.84 8.52 -10.77
C ILE A 213 20.02 9.01 -11.97
N ASP A 214 19.39 8.03 -12.67
CA ASP A 214 18.64 8.26 -13.92
C ASP A 214 17.14 8.46 -13.74
N LEU A 215 16.55 7.96 -12.65
CA LEU A 215 15.11 7.82 -12.55
C LEU A 215 14.68 7.74 -11.08
N LEU A 216 13.48 8.26 -10.80
CA LEU A 216 12.81 8.08 -9.52
C LEU A 216 11.36 7.77 -9.86
N TYR A 217 10.88 6.65 -9.33
CA TYR A 217 9.52 6.21 -9.61
C TYR A 217 8.96 5.78 -8.26
N GLY A 218 8.05 6.58 -7.71
CA GLY A 218 7.46 6.25 -6.43
C GLY A 218 6.35 7.22 -6.08
N ASN A 219 5.85 7.06 -4.87
CA ASN A 219 4.74 7.85 -4.39
C ASN A 219 5.20 9.28 -4.22
N GLU A 220 4.24 10.18 -4.27
CA GLU A 220 4.54 11.55 -3.84
C GLU A 220 5.05 11.47 -2.41
N GLY A 221 6.23 12.07 -2.18
CA GLY A 221 7.00 11.87 -0.95
C GLY A 221 8.32 11.18 -1.15
N LEU A 222 8.56 10.61 -2.33
CA LEU A 222 9.89 10.13 -2.67
C LEU A 222 10.85 11.30 -2.93
N LEU A 223 10.33 12.45 -3.30
CA LEU A 223 11.08 13.69 -3.43
C LEU A 223 10.40 14.77 -2.58
N PRO A 224 11.15 15.74 -2.10
CA PRO A 224 10.52 16.96 -1.59
C PRO A 224 9.59 17.51 -2.67
N LEU A 225 8.36 17.83 -2.29
CA LEU A 225 7.40 18.34 -3.26
C LEU A 225 7.86 19.67 -3.88
N ASP A 226 8.56 20.53 -3.13
CA ASP A 226 9.02 21.78 -3.75
C ASP A 226 10.12 21.52 -4.79
N THR A 227 10.99 20.55 -4.52
CA THR A 227 11.99 20.15 -5.51
C THR A 227 11.34 19.55 -6.77
N PHE A 228 10.34 18.69 -6.60
CA PHE A 228 9.69 18.08 -7.74
C PHE A 228 9.05 19.14 -8.63
N ALA A 229 8.36 20.11 -8.03
CA ALA A 229 7.75 21.20 -8.78
C ALA A 229 8.78 21.99 -9.58
N ARG A 230 9.98 22.18 -9.02
CA ARG A 230 11.02 22.89 -9.77
C ARG A 230 11.60 22.00 -10.87
N PHE A 231 11.83 20.71 -10.58
CA PHE A 231 12.19 19.72 -11.60
C PHE A 231 11.24 19.77 -12.79
N SER A 232 9.93 19.91 -12.54
CA SER A 232 8.97 19.93 -13.62
C SER A 232 9.08 21.18 -14.49
N GLN A 233 9.69 22.26 -13.99
CA GLN A 233 9.91 23.45 -14.81
C GLN A 233 11.23 23.39 -15.56
N ASN A 234 12.06 22.37 -15.31
CA ASN A 234 13.40 22.32 -15.87
C ASN A 234 13.40 21.50 -17.14
N PRO A 235 13.62 22.11 -18.30
CA PRO A 235 13.61 21.37 -19.57
C PRO A 235 14.73 20.34 -19.68
N ALA A 236 15.57 20.20 -18.67
CA ALA A 236 16.64 19.23 -18.72
C ALA A 236 16.27 17.94 -18.04
N TYR A 237 15.19 17.93 -17.28
CA TYR A 237 14.59 16.74 -16.72
C TYR A 237 13.26 16.46 -17.39
N HIS A 238 12.69 15.30 -17.08
CA HIS A 238 11.31 14.96 -17.43
C HIS A 238 10.62 14.50 -16.17
N THR A 239 9.36 14.90 -15.98
CA THR A 239 8.60 14.54 -14.79
C THR A 239 7.17 14.13 -15.16
N GLN A 240 6.54 13.35 -14.28
CA GLN A 240 5.16 12.93 -14.51
C GLN A 240 4.45 12.80 -13.18
N LEU A 241 3.14 13.02 -13.22
CA LEU A 241 2.20 12.70 -12.17
C LEU A 241 1.10 11.88 -12.83
N SER A 242 0.77 10.73 -12.24
CA SER A 242 -0.36 9.92 -12.66
C SER A 242 -1.64 10.56 -12.12
N GLN A 243 -2.79 10.05 -12.54
CA GLN A 243 -4.02 10.36 -11.84
C GLN A 243 -3.92 9.88 -10.38
N PRO A 244 -4.72 10.42 -9.45
CA PRO A 244 -4.66 9.93 -8.06
C PRO A 244 -4.94 8.43 -8.00
N ILE A 245 -4.25 7.74 -7.08
CA ILE A 245 -4.36 6.28 -6.92
C ILE A 245 -4.69 5.86 -5.49
N GLU A 246 -4.33 6.69 -4.48
CA GLU A 246 -4.47 6.31 -3.07
C GLU A 246 -4.97 7.49 -2.25
N THR A 247 -5.67 7.22 -1.13
CA THR A 247 -5.88 8.26 -0.12
C THR A 247 -4.69 8.30 0.84
N VAL A 248 -4.27 9.50 1.24
CA VAL A 248 -3.39 9.65 2.41
C VAL A 248 -4.25 10.22 3.52
N MET A 249 -4.31 9.52 4.67
CA MET A 249 -5.11 10.03 5.78
C MET A 249 -4.41 9.71 7.10
N LEU A 250 -4.83 10.37 8.17
CA LEU A 250 -4.46 9.94 9.50
C LEU A 250 -5.51 8.93 9.98
N ALA A 251 -5.02 7.83 10.54
CA ALA A 251 -5.84 7.00 11.41
C ALA A 251 -5.83 7.66 12.79
N LEU A 252 -7.01 7.85 13.35
CA LEU A 252 -7.16 8.37 14.72
C LEU A 252 -7.48 7.19 15.63
N ASN A 253 -6.79 7.10 16.75
CA ASN A 253 -6.94 5.93 17.60
C ASN A 253 -8.19 6.11 18.47
N THR A 254 -9.33 5.51 18.08
CA THR A 254 -10.54 5.57 18.92
C THR A 254 -10.37 4.80 20.21
N ALA A 255 -9.30 4.03 20.38
CA ALA A 255 -9.06 3.33 21.63
C ALA A 255 -8.34 4.17 22.68
N LYS A 256 -7.51 5.15 22.29
CA LYS A 256 -6.74 5.94 23.25
C LYS A 256 -7.34 7.34 23.41
N ALA A 257 -7.43 7.81 24.66
CA ALA A 257 -7.72 9.22 24.91
C ALA A 257 -6.57 10.06 24.36
N PRO A 258 -6.84 11.26 23.84
CA PRO A 258 -8.12 11.95 23.79
C PRO A 258 -8.85 11.64 22.50
N THR A 259 -8.21 10.87 21.62
CA THR A 259 -8.86 10.60 20.35
C THR A 259 -10.01 9.61 20.47
N ASN A 260 -10.23 9.02 21.65
CA ASN A 260 -11.40 8.15 21.77
C ASN A 260 -12.72 8.92 21.84
N GLU A 261 -12.68 10.24 21.99
CA GLU A 261 -13.90 11.05 22.00
C GLU A 261 -14.30 11.40 20.58
N LEU A 262 -15.55 11.09 20.23
CA LEU A 262 -16.09 11.51 18.94
C LEU A 262 -15.93 13.01 18.75
N ALA A 263 -16.25 13.80 19.79
CA ALA A 263 -16.17 15.24 19.66
C ALA A 263 -14.75 15.69 19.31
N VAL A 264 -13.75 15.01 19.88
CA VAL A 264 -12.37 15.40 19.61
C VAL A 264 -12.00 15.07 18.17
N ARG A 265 -12.33 13.86 17.71
CA ARG A 265 -12.03 13.46 16.34
C ARG A 265 -12.75 14.34 15.32
N GLU A 266 -14.01 14.72 15.62
CA GLU A 266 -14.70 15.62 14.70
C GLU A 266 -14.02 16.99 14.69
N ALA A 267 -13.62 17.48 15.86
CA ALA A 267 -12.93 18.77 15.89
C ALA A 267 -11.66 18.72 15.07
N LEU A 268 -10.91 17.62 15.18
CA LEU A 268 -9.66 17.53 14.44
C LEU A 268 -9.92 17.51 12.93
N ASN A 269 -11.03 16.89 12.50
CA ASN A 269 -11.42 16.89 11.08
C ASN A 269 -11.79 18.30 10.61
N TYR A 270 -12.31 19.16 11.50
CA TYR A 270 -12.58 20.54 11.13
C TYR A 270 -11.35 21.44 11.23
N ALA A 271 -10.27 20.95 11.85
CA ALA A 271 -9.17 21.83 12.22
C ALA A 271 -8.20 22.07 11.05
N VAL A 272 -8.04 21.10 10.16
CA VAL A 272 -7.00 21.20 9.15
C VAL A 272 -7.53 21.98 7.94
N ASN A 273 -6.81 23.03 7.59
CA ASN A 273 -7.10 23.77 6.38
C ASN A 273 -6.42 23.01 5.24
N LYS A 274 -7.13 22.00 4.72
CA LYS A 274 -6.54 21.10 3.72
C LYS A 274 -6.25 21.84 2.41
N LYS A 275 -7.13 22.77 2.01
CA LYS A 275 -6.91 23.49 0.75
C LYS A 275 -5.61 24.27 0.81
N SER A 276 -5.28 24.84 1.98
CA SER A 276 -4.01 25.54 2.12
C SER A 276 -2.82 24.57 2.15
N LEU A 277 -2.98 23.46 2.87
CA LEU A 277 -1.91 22.48 2.92
C LEU A 277 -1.57 21.99 1.52
N ILE A 278 -2.58 21.65 0.73
CA ILE A 278 -2.35 21.18 -0.64
C ILE A 278 -1.80 22.30 -1.53
N ASP A 279 -2.44 23.47 -1.51
CA ASP A 279 -2.02 24.54 -2.40
C ASP A 279 -0.64 25.04 -2.05
N ASN A 280 -0.27 24.99 -0.76
CA ASN A 280 1.02 25.53 -0.36
C ASN A 280 2.03 24.40 -0.26
N ALA A 281 2.01 23.66 0.85
CA ALA A 281 3.08 22.70 1.09
C ALA A 281 3.25 21.72 -0.05
N LEU A 282 2.16 21.32 -0.73
CA LEU A 282 2.26 20.25 -1.73
C LEU A 282 2.21 20.74 -3.19
N TYR A 283 2.11 22.05 -3.42
CA TYR A 283 2.34 22.64 -4.74
C TYR A 283 1.26 22.27 -5.75
N GLY A 284 0.02 22.11 -5.28
CA GLY A 284 -1.12 21.81 -6.13
C GLY A 284 -1.10 20.44 -6.77
N THR A 285 -0.16 19.57 -6.37
CA THR A 285 0.05 18.28 -7.00
C THR A 285 -0.96 17.19 -6.52
N GLN A 286 -2.01 17.58 -5.77
CA GLN A 286 -2.94 16.62 -5.22
C GLN A 286 -4.33 17.25 -5.13
N GLN A 287 -5.28 16.47 -4.64
CA GLN A 287 -6.64 16.93 -4.47
C GLN A 287 -7.07 16.71 -3.02
N VAL A 288 -7.95 17.59 -2.54
CA VAL A 288 -8.46 17.53 -1.18
C VAL A 288 -9.30 16.27 -1.03
N ALA A 289 -8.97 15.47 -0.01
CA ALA A 289 -9.72 14.27 0.33
C ALA A 289 -10.69 14.54 1.48
N ASP A 290 -11.96 14.25 1.27
CA ASP A 290 -12.92 14.33 2.36
C ASP A 290 -13.33 12.98 2.92
N THR A 291 -13.06 11.88 2.21
CA THR A 291 -13.50 10.58 2.68
C THR A 291 -12.33 9.59 2.57
N LEU A 292 -12.44 8.51 3.35
CA LEU A 292 -11.44 7.43 3.32
C LEU A 292 -11.13 6.99 1.91
N PHE A 293 -12.16 6.81 1.06
CA PHE A 293 -11.99 6.48 -0.37
C PHE A 293 -12.48 7.60 -1.26
N ALA A 294 -11.79 7.82 -2.38
CA ALA A 294 -12.24 8.86 -3.31
C ALA A 294 -13.55 8.43 -3.99
N PRO A 295 -14.37 9.40 -4.46
CA PRO A 295 -15.60 9.05 -5.20
C PRO A 295 -15.37 8.13 -6.41
N SER A 296 -14.13 8.02 -6.87
CA SER A 296 -13.82 7.16 -8.01
C SER A 296 -13.53 5.72 -7.62
N VAL A 297 -13.34 5.45 -6.32
CA VAL A 297 -13.13 4.06 -5.90
C VAL A 297 -14.42 3.28 -6.10
N PRO A 298 -14.35 2.06 -6.65
CA PRO A 298 -15.55 1.25 -6.81
C PRO A 298 -16.37 1.21 -5.52
N TYR A 299 -17.68 1.35 -5.68
CA TYR A 299 -18.68 1.28 -4.64
C TYR A 299 -18.54 2.42 -3.64
N ALA A 300 -17.65 3.38 -3.87
CA ALA A 300 -17.39 4.40 -2.88
C ALA A 300 -18.01 5.77 -3.19
N ASN A 301 -18.76 5.92 -4.29
CA ASN A 301 -19.38 7.21 -4.60
C ASN A 301 -20.71 7.29 -3.82
N LEU A 302 -20.58 7.63 -2.54
CA LEU A 302 -21.71 7.57 -1.63
C LEU A 302 -22.23 8.94 -1.24
N GLY A 303 -21.62 10.01 -1.72
CA GLY A 303 -22.13 11.32 -1.40
C GLY A 303 -22.00 11.63 0.08
N LEU A 304 -20.91 11.22 0.71
CA LEU A 304 -20.70 11.46 2.13
C LEU A 304 -20.43 12.94 2.37
N LYS A 305 -20.86 13.43 3.54
CA LYS A 305 -20.73 14.85 3.87
C LYS A 305 -19.26 15.17 4.20
N PRO A 306 -18.67 16.20 3.59
CA PRO A 306 -17.31 16.57 3.95
C PRO A 306 -17.25 17.45 5.20
N SER A 307 -16.17 17.28 5.96
CA SER A 307 -15.86 18.23 7.03
C SER A 307 -14.93 19.27 6.43
N GLN A 308 -15.45 20.47 6.23
CA GLN A 308 -14.59 21.49 5.70
C GLN A 308 -13.89 22.21 6.84
N TYR A 309 -12.93 23.06 6.48
CA TYR A 309 -12.11 23.77 7.45
C TYR A 309 -12.96 24.75 8.25
N ASP A 310 -13.02 24.56 9.57
CA ASP A 310 -13.89 25.37 10.43
C ASP A 310 -13.30 25.38 11.83
N PRO A 311 -12.23 26.16 12.05
CA PRO A 311 -11.72 26.32 13.41
C PRO A 311 -12.81 26.64 14.43
N GLN A 312 -13.74 27.56 14.12
CA GLN A 312 -14.71 27.94 15.14
C GLN A 312 -15.61 26.78 15.55
N LYS A 313 -16.06 25.97 14.59
CA LYS A 313 -16.84 24.77 14.93
C LYS A 313 -16.01 23.82 15.80
N ALA A 314 -14.72 23.65 15.45
CA ALA A 314 -13.83 22.77 16.18
C ALA A 314 -13.70 23.17 17.64
N LYS A 315 -13.41 24.45 17.89
CA LYS A 315 -13.34 24.97 19.26
C LYS A 315 -14.65 24.75 20.00
N ALA A 316 -15.78 24.98 19.33
CA ALA A 316 -17.06 24.78 19.98
C ALA A 316 -17.26 23.30 20.32
N LEU A 317 -16.83 22.40 19.44
CA LEU A 317 -16.97 20.98 19.76
C LEU A 317 -16.10 20.59 20.96
N LEU A 318 -14.91 21.18 21.09
CA LEU A 318 -14.03 20.82 22.21
C LEU A 318 -14.58 21.36 23.54
N GLU A 319 -14.99 22.65 23.55
CA GLU A 319 -15.63 23.26 24.71
C GLU A 319 -16.72 22.35 25.26
N LYS A 320 -17.69 21.97 24.40
CA LYS A 320 -18.84 21.16 24.78
C LYS A 320 -18.45 19.74 25.22
N ALA A 321 -17.27 19.29 24.87
CA ALA A 321 -16.82 18.01 25.38
C ALA A 321 -15.96 18.17 26.63
N GLY A 322 -15.90 19.38 27.20
CA GLY A 322 -15.16 19.65 28.44
C GLY A 322 -13.67 19.97 28.30
N TRP A 323 -13.17 20.21 27.07
CA TRP A 323 -11.80 20.66 26.85
C TRP A 323 -11.82 22.20 26.74
N THR A 324 -11.49 22.88 27.83
CA THR A 324 -11.65 24.32 27.92
C THR A 324 -10.28 25.00 28.06
N LEU A 325 -10.25 26.32 27.91
CA LEU A 325 -8.99 27.07 27.90
C LEU A 325 -8.72 27.67 29.28
N PRO A 326 -7.60 27.37 29.93
CA PRO A 326 -7.27 28.12 31.15
C PRO A 326 -6.99 29.56 30.79
N ALA A 327 -6.92 30.38 31.83
CA ALA A 327 -6.63 31.79 31.64
C ALA A 327 -5.21 31.97 31.11
N GLY A 328 -5.07 32.71 30.01
CA GLY A 328 -3.76 32.99 29.44
C GLY A 328 -2.99 31.75 29.05
N LYS A 329 -3.67 30.74 28.53
CA LYS A 329 -3.04 29.53 28.03
C LYS A 329 -3.72 29.15 26.73
N ASP A 330 -2.93 28.62 25.77
CA ASP A 330 -3.41 28.29 24.45
C ASP A 330 -3.86 26.84 24.30
N ILE A 331 -3.45 25.96 25.21
CA ILE A 331 -3.72 24.53 25.11
C ILE A 331 -4.85 24.19 26.06
N ARG A 332 -5.92 23.60 25.52
CA ARG A 332 -7.08 23.26 26.32
C ARG A 332 -6.74 22.18 27.35
N GLU A 333 -7.49 22.17 28.45
CA GLU A 333 -7.37 21.15 29.49
C GLU A 333 -8.75 20.63 29.87
N LYS A 334 -8.79 19.36 30.30
CA LYS A 334 -9.98 18.76 30.89
C LYS A 334 -9.58 18.09 32.20
N ASN A 335 -10.22 18.50 33.28
CA ASN A 335 -10.03 17.79 34.54
C ASN A 335 -8.55 17.77 34.94
N GLY A 336 -7.83 18.88 34.66
CA GLY A 336 -6.40 18.99 34.95
C GLY A 336 -5.44 18.57 33.83
N GLN A 337 -5.92 17.89 32.80
CA GLN A 337 -5.03 17.28 31.79
C GLN A 337 -5.07 18.08 30.50
N PRO A 338 -3.93 18.63 30.05
CA PRO A 338 -3.90 19.31 28.74
C PRO A 338 -4.26 18.37 27.60
N LEU A 339 -4.79 18.95 26.52
CA LEU A 339 -5.12 18.25 25.27
C LEU A 339 -3.83 18.01 24.46
N ARG A 340 -3.26 16.81 24.62
CA ARG A 340 -2.01 16.41 23.98
C ARG A 340 -2.25 15.16 23.15
N ILE A 341 -1.62 15.12 21.98
CA ILE A 341 -1.83 14.02 21.04
C ILE A 341 -0.51 13.80 20.33
N GLU A 342 -0.20 12.55 20.07
CA GLU A 342 1.03 12.14 19.42
C GLU A 342 0.73 11.74 17.98
N LEU A 343 1.51 12.27 17.05
CA LEU A 343 1.29 12.08 15.61
C LEU A 343 2.54 11.46 15.03
N SER A 344 2.46 10.18 14.67
CA SER A 344 3.61 9.39 14.26
C SER A 344 3.59 9.15 12.76
N PHE A 345 4.77 9.08 12.16
CA PHE A 345 4.86 8.86 10.72
C PHE A 345 6.22 8.28 10.37
N ILE A 346 6.34 7.86 9.11
CA ILE A 346 7.59 7.29 8.59
C ILE A 346 8.52 8.45 8.27
N GLY A 347 9.69 8.50 8.94
CA GLY A 347 10.61 9.62 8.79
C GLY A 347 11.16 9.87 7.38
N THR A 348 11.30 8.82 6.57
CA THR A 348 11.92 8.97 5.24
C THR A 348 10.94 9.52 4.18
N ASP A 349 9.67 9.76 4.54
CA ASP A 349 8.63 10.23 3.63
C ASP A 349 8.55 11.76 3.68
N ALA A 350 8.96 12.43 2.59
CA ALA A 350 8.90 13.90 2.56
C ALA A 350 7.47 14.41 2.68
N LEU A 351 6.50 13.71 2.08
CA LEU A 351 5.10 14.13 2.18
C LEU A 351 4.59 14.05 3.62
N SER A 352 4.86 12.93 4.33
CA SER A 352 4.36 12.80 5.69
C SER A 352 4.95 13.88 6.60
N LYS A 353 6.28 14.04 6.57
CA LYS A 353 6.90 15.07 7.39
C LYS A 353 6.32 16.44 7.08
N SER A 354 6.12 16.71 5.81
CA SER A 354 5.71 18.05 5.43
C SER A 354 4.25 18.32 5.85
N MET A 355 3.39 17.32 5.71
CA MET A 355 2.01 17.48 6.18
C MET A 355 1.92 17.48 7.71
N ALA A 356 2.72 16.64 8.38
CA ALA A 356 2.70 16.63 9.84
C ALA A 356 2.94 18.02 10.40
N GLU A 357 3.85 18.78 9.78
CA GLU A 357 4.18 20.13 10.21
C GLU A 357 2.98 21.04 10.14
N ILE A 358 2.36 21.15 8.96
CA ILE A 358 1.18 21.99 8.80
C ILE A 358 0.08 21.51 9.75
N ILE A 359 -0.17 20.20 9.80
CA ILE A 359 -1.26 19.70 10.64
C ILE A 359 -1.06 20.10 12.11
N GLN A 360 0.15 19.92 12.64
CA GLN A 360 0.47 20.35 14.00
C GLN A 360 0.10 21.81 14.25
N ALA A 361 0.51 22.70 13.33
CA ALA A 361 0.23 24.12 13.55
C ALA A 361 -1.28 24.39 13.47
N ASP A 362 -1.96 23.71 12.55
CA ASP A 362 -3.40 23.93 12.44
C ASP A 362 -4.13 23.47 13.70
N MET A 363 -3.70 22.35 14.28
CA MET A 363 -4.38 21.87 15.46
C MET A 363 -4.03 22.70 16.70
N ARG A 364 -2.85 23.32 16.75
CA ARG A 364 -2.59 24.24 17.84
C ARG A 364 -3.56 25.42 17.84
N GLN A 365 -4.02 25.83 16.66
CA GLN A 365 -4.97 26.95 16.54
C GLN A 365 -6.28 26.69 17.27
N ILE A 366 -6.60 25.44 17.58
CA ILE A 366 -7.83 25.14 18.31
C ILE A 366 -7.56 24.58 19.72
N GLY A 367 -6.33 24.68 20.21
CA GLY A 367 -6.02 24.31 21.58
C GLY A 367 -5.59 22.88 21.81
N ALA A 368 -5.17 22.17 20.76
CA ALA A 368 -4.67 20.80 20.87
C ALA A 368 -3.17 20.84 20.63
N ASP A 369 -2.41 20.26 21.55
CA ASP A 369 -0.95 20.25 21.50
C ASP A 369 -0.50 18.92 20.87
N VAL A 370 0.03 18.96 19.65
CA VAL A 370 0.36 17.74 18.92
C VAL A 370 1.87 17.60 18.86
N SER A 371 2.36 16.41 19.22
CA SER A 371 3.78 16.11 19.14
C SER A 371 4.04 15.21 17.95
N LEU A 372 5.06 15.54 17.20
CA LEU A 372 5.42 14.78 16.03
C LEU A 372 6.42 13.72 16.46
N ILE A 373 6.32 12.57 15.82
CA ILE A 373 7.23 11.45 16.06
C ILE A 373 7.51 10.83 14.71
N GLY A 374 8.77 10.84 14.28
CA GLY A 374 9.12 10.24 13.02
C GLY A 374 10.05 9.06 13.25
N GLU A 375 9.80 7.96 12.55
CA GLU A 375 10.51 6.73 12.87
C GLU A 375 10.71 5.92 11.61
N GLU A 376 11.55 4.90 11.75
CA GLU A 376 11.78 3.94 10.68
C GLU A 376 10.49 3.22 10.37
N GLU A 377 10.40 2.70 9.15
CA GLU A 377 9.14 2.14 8.70
C GLU A 377 8.76 0.91 9.53
N SER A 378 9.73 0.03 9.85
CA SER A 378 9.42 -1.12 10.69
C SER A 378 8.81 -0.68 12.03
N SER A 379 9.26 0.43 12.62
CA SER A 379 8.66 0.83 13.90
C SER A 379 7.25 1.41 13.73
N ILE A 380 6.99 2.14 12.64
CA ILE A 380 5.65 2.67 12.39
C ILE A 380 4.67 1.53 12.15
N TYR A 381 5.07 0.50 11.38
CA TYR A 381 4.14 -0.60 11.09
C TYR A 381 3.82 -1.37 12.35
N ALA A 382 4.84 -1.68 13.14
CA ALA A 382 4.59 -2.32 14.43
C ALA A 382 3.64 -1.49 15.29
N ARG A 383 3.75 -0.16 15.24
CA ARG A 383 2.82 0.71 15.97
C ARG A 383 1.39 0.53 15.46
N GLN A 384 1.21 0.60 14.15
CA GLN A 384 -0.10 0.39 13.55
C GLN A 384 -0.67 -0.98 13.97
N ARG A 385 0.20 -1.99 14.05
CA ARG A 385 -0.23 -3.34 14.32
C ARG A 385 -0.71 -3.50 15.78
N ASP A 386 -0.06 -2.82 16.73
CA ASP A 386 -0.40 -3.07 18.13
C ASP A 386 -1.09 -1.91 18.84
N GLY A 387 -1.46 -0.84 18.14
CA GLY A 387 -2.28 0.17 18.77
C GLY A 387 -1.54 1.27 19.49
N ARG A 388 -0.20 1.24 19.50
CA ARG A 388 0.60 2.25 20.18
C ARG A 388 0.72 3.49 19.27
N PHE A 389 -0.36 4.25 19.19
CA PHE A 389 -0.31 5.51 18.45
C PHE A 389 -1.48 6.36 18.86
N GLY A 390 -1.32 7.68 18.74
CA GLY A 390 -2.42 8.62 18.96
C GLY A 390 -3.11 8.94 17.64
N MET A 391 -2.35 9.57 16.74
CA MET A 391 -2.70 9.73 15.34
C MET A 391 -1.52 9.18 14.54
N ILE A 392 -1.80 8.40 13.51
CA ILE A 392 -0.73 7.80 12.74
C ILE A 392 -1.06 7.97 11.26
N PHE A 393 -0.04 8.33 10.48
CA PHE A 393 -0.20 8.49 9.04
C PHE A 393 -0.52 7.16 8.38
N HIS A 394 -1.35 7.20 7.35
CA HIS A 394 -1.85 5.97 6.78
C HIS A 394 -2.11 6.23 5.31
N ARG A 395 -2.36 5.19 4.53
CA ARG A 395 -2.73 5.42 3.13
C ARG A 395 -3.51 4.21 2.67
N THR A 396 -4.45 4.40 1.74
CA THR A 396 -5.07 3.20 1.16
C THR A 396 -4.11 2.56 0.15
N TRP A 397 -4.58 1.51 -0.54
CA TRP A 397 -3.64 0.59 -1.18
C TRP A 397 -3.68 0.60 -2.70
N GLY A 398 -4.58 1.36 -3.31
CA GLY A 398 -4.74 1.40 -4.75
C GLY A 398 -5.47 0.19 -5.32
N ALA A 399 -5.62 0.21 -6.63
CA ALA A 399 -6.17 -0.93 -7.33
C ALA A 399 -5.19 -2.10 -7.26
N PRO A 400 -5.69 -3.35 -7.07
CA PRO A 400 -7.10 -3.68 -6.87
C PRO A 400 -7.54 -3.87 -5.40
N TYR A 401 -6.71 -3.46 -4.44
CA TYR A 401 -7.09 -3.64 -3.05
C TYR A 401 -8.31 -2.80 -2.67
N ASP A 402 -8.50 -1.60 -3.33
CA ASP A 402 -9.50 -0.64 -2.83
C ASP A 402 -10.84 -0.87 -3.51
N PRO A 403 -11.95 -1.04 -2.75
CA PRO A 403 -12.01 -1.06 -1.28
C PRO A 403 -11.92 -2.46 -0.59
N HIS A 404 -12.09 -3.53 -1.36
CA HIS A 404 -12.47 -4.81 -0.74
C HIS A 404 -11.34 -5.39 0.11
N ALA A 405 -10.08 -5.37 -0.40
CA ALA A 405 -8.97 -5.93 0.38
C ALA A 405 -8.56 -5.02 1.53
N PHE A 406 -8.66 -3.69 1.34
CA PHE A 406 -8.41 -2.75 2.43
C PHE A 406 -9.38 -2.97 3.58
N LEU A 407 -10.68 -3.11 3.26
CA LEU A 407 -11.69 -3.38 4.29
C LEU A 407 -11.43 -4.73 4.96
N SER A 408 -11.23 -5.80 4.17
CA SER A 408 -10.93 -7.11 4.72
C SER A 408 -9.84 -7.03 5.77
N SER A 409 -8.79 -6.27 5.50
CA SER A 409 -7.65 -6.07 6.42
C SER A 409 -8.05 -5.42 7.75
N MET A 410 -9.21 -4.75 7.81
CA MET A 410 -9.59 -4.09 9.04
C MET A 410 -9.98 -5.08 10.13
N ARG A 411 -10.15 -6.36 9.78
CA ARG A 411 -10.70 -7.33 10.72
C ARG A 411 -9.64 -7.99 11.59
N VAL A 412 -8.37 -7.80 11.24
CA VAL A 412 -7.27 -8.28 12.06
C VAL A 412 -6.24 -7.17 12.15
N PRO A 413 -5.32 -7.25 13.10
CA PRO A 413 -4.20 -6.33 13.07
C PRO A 413 -3.51 -6.42 11.72
N SER A 414 -3.39 -5.30 11.02
CA SER A 414 -2.77 -5.35 9.70
C SER A 414 -1.98 -4.06 9.53
N HIS A 415 -2.59 -3.05 8.93
CA HIS A 415 -2.09 -1.70 9.13
C HIS A 415 -2.84 -1.13 10.35
N ALA A 416 -3.14 0.15 10.40
CA ALA A 416 -3.61 0.73 11.67
C ALA A 416 -5.10 0.53 11.97
N ASP A 417 -5.90 0.02 11.04
CA ASP A 417 -7.34 0.21 11.11
C ASP A 417 -7.97 -0.61 12.25
N PHE A 418 -7.65 -1.90 12.32
CA PHE A 418 -8.23 -2.72 13.36
C PHE A 418 -8.09 -2.07 14.73
N GLN A 419 -6.86 -1.72 15.12
CA GLN A 419 -6.60 -1.11 16.42
C GLN A 419 -7.25 0.26 16.53
N ALA A 420 -7.21 1.05 15.47
CA ALA A 420 -7.78 2.38 15.51
C ALA A 420 -9.29 2.37 15.70
N GLN A 421 -9.93 1.25 15.35
CA GLN A 421 -11.38 1.12 15.42
C GLN A 421 -11.84 0.45 16.70
N GLN A 422 -10.91 0.02 17.55
CA GLN A 422 -11.30 -0.74 18.75
C GLN A 422 -12.18 0.05 19.69
N GLY A 423 -12.16 1.38 19.62
CA GLY A 423 -13.06 2.19 20.41
C GLY A 423 -14.50 2.30 19.91
N LEU A 424 -14.81 1.80 18.73
CA LEU A 424 -16.15 2.00 18.19
C LEU A 424 -17.11 0.97 18.73
N ALA A 425 -18.25 1.42 19.28
CA ALA A 425 -19.24 0.45 19.74
C ALA A 425 -19.70 -0.47 18.62
N ASP A 426 -19.78 0.02 17.37
CA ASP A 426 -20.24 -0.84 16.28
C ASP A 426 -19.11 -1.54 15.54
N LYS A 427 -17.90 -1.56 16.12
CA LYS A 427 -16.80 -2.27 15.47
C LYS A 427 -17.14 -3.71 15.14
N PRO A 428 -17.70 -4.52 16.07
CA PRO A 428 -18.06 -5.90 15.66
C PRO A 428 -19.06 -5.94 14.52
N LEU A 429 -20.03 -5.01 14.49
CA LEU A 429 -21.01 -4.98 13.41
C LEU A 429 -20.32 -4.72 12.08
N ILE A 430 -19.47 -3.69 12.06
CA ILE A 430 -18.70 -3.35 10.87
C ILE A 430 -17.94 -4.57 10.36
N ASP A 431 -17.23 -5.25 11.26
CA ASP A 431 -16.47 -6.43 10.85
C ASP A 431 -17.41 -7.52 10.32
N LYS A 432 -18.53 -7.77 11.01
CA LYS A 432 -19.50 -8.73 10.47
C LYS A 432 -19.88 -8.37 9.04
N GLU A 433 -20.20 -7.10 8.80
CA GLU A 433 -20.65 -6.63 7.49
C GLU A 433 -19.54 -6.63 6.43
N ILE A 434 -18.28 -6.45 6.85
CA ILE A 434 -17.16 -6.64 5.93
C ILE A 434 -17.12 -8.08 5.44
N GLY A 435 -17.35 -9.04 6.33
CA GLY A 435 -17.41 -10.45 5.90
C GLY A 435 -18.54 -10.73 4.93
N GLU A 436 -19.70 -10.10 5.15
CA GLU A 436 -20.84 -10.27 4.24
C GLU A 436 -20.56 -9.66 2.87
N VAL A 437 -19.98 -8.46 2.84
CA VAL A 437 -19.78 -7.80 1.56
C VAL A 437 -18.78 -8.58 0.71
N LEU A 438 -17.83 -9.27 1.35
CA LEU A 438 -16.89 -10.13 0.66
C LEU A 438 -17.50 -11.44 0.18
N ALA A 439 -18.62 -11.86 0.75
CA ALA A 439 -19.30 -13.10 0.40
C ALA A 439 -20.47 -12.92 -0.56
N THR A 440 -21.09 -11.75 -0.65
CA THR A 440 -22.38 -11.67 -1.35
C THR A 440 -22.22 -11.61 -2.87
N HIS A 441 -23.09 -12.33 -3.58
CA HIS A 441 -23.25 -12.26 -5.03
C HIS A 441 -24.42 -11.38 -5.46
N ASP A 442 -25.15 -10.81 -4.50
CA ASP A 442 -26.25 -9.88 -4.75
C ASP A 442 -25.67 -8.47 -4.96
N GLU A 443 -25.75 -7.97 -6.19
CA GLU A 443 -25.19 -6.65 -6.49
C GLU A 443 -25.82 -5.57 -5.64
N THR A 444 -27.13 -5.62 -5.47
CA THR A 444 -27.81 -4.60 -4.69
C THR A 444 -27.31 -4.63 -3.25
N GLN A 445 -27.23 -5.82 -2.67
CA GLN A 445 -26.79 -5.97 -1.29
C GLN A 445 -25.31 -5.62 -1.12
N ARG A 446 -24.50 -5.90 -2.15
CA ARG A 446 -23.10 -5.49 -2.07
C ARG A 446 -22.96 -3.98 -1.97
N GLN A 447 -23.81 -3.21 -2.68
CA GLN A 447 -23.73 -1.75 -2.59
C GLN A 447 -24.23 -1.25 -1.24
N ALA A 448 -25.37 -1.79 -0.78
CA ALA A 448 -25.89 -1.48 0.54
C ALA A 448 -24.82 -1.71 1.62
N LEU A 449 -24.08 -2.83 1.52
CA LEU A 449 -23.13 -3.16 2.57
C LEU A 449 -21.93 -2.22 2.54
N TYR A 450 -21.41 -1.93 1.35
CA TYR A 450 -20.34 -0.94 1.23
C TYR A 450 -20.78 0.41 1.79
N ARG A 451 -21.98 0.86 1.43
CA ARG A 451 -22.42 2.18 1.88
C ARG A 451 -22.47 2.24 3.41
N ASP A 452 -23.04 1.22 4.03
CA ASP A 452 -23.20 1.22 5.49
C ASP A 452 -21.85 1.20 6.19
N ILE A 453 -20.96 0.29 5.79
CA ILE A 453 -19.60 0.24 6.33
C ILE A 453 -18.91 1.60 6.19
N LEU A 454 -18.94 2.18 4.99
CA LEU A 454 -18.18 3.40 4.77
C LEU A 454 -18.85 4.60 5.44
N THR A 455 -20.18 4.62 5.50
CA THR A 455 -20.85 5.70 6.19
C THR A 455 -20.60 5.64 7.72
N ARG A 456 -20.63 4.44 8.31
CA ARG A 456 -20.26 4.31 9.73
C ARG A 456 -18.85 4.82 10.00
N LEU A 457 -17.88 4.43 9.15
CA LEU A 457 -16.50 4.86 9.40
C LEU A 457 -16.37 6.36 9.22
N HIS A 458 -17.17 6.94 8.32
CA HIS A 458 -17.17 8.39 8.13
C HIS A 458 -17.84 9.09 9.30
N ASP A 459 -19.06 8.66 9.64
CA ASP A 459 -19.81 9.34 10.68
C ASP A 459 -19.08 9.28 12.03
N GLU A 460 -18.32 8.24 12.30
CA GLU A 460 -17.62 8.16 13.58
C GLU A 460 -16.21 8.71 13.50
N ALA A 461 -15.86 9.31 12.35
CA ALA A 461 -14.68 10.17 12.21
C ALA A 461 -13.43 9.42 12.62
N VAL A 462 -13.33 8.17 12.13
CA VAL A 462 -12.20 7.31 12.41
C VAL A 462 -10.95 7.86 11.73
N TYR A 463 -11.13 8.50 10.57
CA TYR A 463 -10.01 8.99 9.78
C TYR A 463 -10.03 10.52 9.67
N LEU A 464 -8.88 11.07 9.33
CA LEU A 464 -8.74 12.46 8.90
C LEU A 464 -8.20 12.38 7.47
N PRO A 465 -9.07 12.21 6.47
CA PRO A 465 -8.62 12.22 5.07
C PRO A 465 -7.90 13.52 4.75
N ILE A 466 -6.75 13.42 4.10
CA ILE A 466 -5.97 14.61 3.73
C ILE A 466 -6.05 14.89 2.25
N SER A 467 -5.56 13.97 1.44
CA SER A 467 -5.49 14.19 0.01
C SER A 467 -5.48 12.85 -0.69
N TYR A 468 -5.76 12.89 -2.00
CA TYR A 468 -5.64 11.74 -2.90
C TYR A 468 -4.37 11.96 -3.69
N ILE A 469 -3.37 11.13 -3.46
CA ILE A 469 -2.06 11.31 -4.04
C ILE A 469 -1.95 10.47 -5.32
N SER A 470 -0.93 10.79 -6.12
CA SER A 470 -0.62 10.18 -7.40
C SER A 470 0.74 9.52 -7.34
N MET A 471 1.01 8.68 -8.34
CA MET A 471 2.38 8.27 -8.55
C MET A 471 3.17 9.42 -9.16
N MET A 472 4.45 9.51 -8.81
CA MET A 472 5.35 10.54 -9.28
C MET A 472 6.54 9.92 -10.00
N VAL A 473 7.04 10.56 -11.06
CA VAL A 473 8.18 10.03 -11.83
C VAL A 473 9.11 11.20 -12.18
N VAL A 474 10.42 10.94 -12.11
CA VAL A 474 11.46 11.87 -12.53
C VAL A 474 12.49 11.07 -13.30
N SER A 475 12.90 11.56 -14.48
CA SER A 475 13.76 10.75 -15.32
C SER A 475 14.55 11.63 -16.27
N LYS A 476 15.67 11.07 -16.74
CA LYS A 476 16.38 11.71 -17.83
C LYS A 476 15.48 11.72 -19.06
N PRO A 477 15.40 12.83 -19.77
CA PRO A 477 14.56 12.88 -20.99
C PRO A 477 14.75 11.69 -21.93
N GLU A 478 15.95 11.07 -21.95
CA GLU A 478 16.26 9.97 -22.88
C GLU A 478 15.33 8.78 -22.69
N LEU A 479 15.00 8.46 -21.43
CA LEU A 479 14.05 7.38 -21.15
C LEU A 479 12.65 7.63 -21.71
N GLY A 480 12.36 8.84 -22.23
CA GLY A 480 11.05 9.15 -22.75
C GLY A 480 9.96 9.07 -21.68
N ASN A 481 8.73 9.01 -22.17
CA ASN A 481 7.57 8.87 -21.30
C ASN A 481 7.53 7.49 -20.63
N ILE A 482 7.44 7.48 -19.31
CA ILE A 482 7.45 6.27 -18.47
C ILE A 482 6.03 5.76 -18.23
N PRO A 483 5.73 4.48 -18.48
CA PRO A 483 4.40 3.95 -18.18
C PRO A 483 4.18 3.71 -16.68
N TYR A 484 2.91 3.60 -16.29
CA TYR A 484 2.52 3.27 -14.92
C TYR A 484 2.04 1.81 -14.83
N ALA A 485 2.37 1.17 -13.76
CA ALA A 485 1.83 -0.17 -13.57
C ALA A 485 0.43 -0.09 -12.95
N PRO A 486 -0.49 -0.95 -13.38
CA PRO A 486 -1.84 -0.96 -12.78
C PRO A 486 -1.86 -1.23 -11.27
N ILE A 487 -0.86 -1.89 -10.69
CA ILE A 487 -0.80 -2.08 -9.25
C ILE A 487 0.12 -0.99 -8.72
N ALA A 488 -0.36 -0.22 -7.72
CA ALA A 488 0.33 1.01 -7.36
C ALA A 488 1.75 0.78 -6.83
N THR A 489 2.01 -0.36 -6.20
CA THR A 489 3.33 -0.58 -5.64
C THR A 489 4.32 -1.20 -6.62
N GLU A 490 3.89 -1.54 -7.83
CA GLU A 490 4.80 -2.14 -8.80
C GLU A 490 5.42 -1.07 -9.68
N ILE A 491 6.63 -1.34 -10.13
CA ILE A 491 7.36 -0.43 -11.01
C ILE A 491 7.60 -1.19 -12.31
N PRO A 492 7.15 -0.67 -13.45
CA PRO A 492 7.21 -1.42 -14.72
C PRO A 492 8.55 -1.25 -15.45
N PHE A 493 9.63 -1.65 -14.78
CA PHE A 493 10.96 -1.61 -15.33
C PHE A 493 11.07 -2.35 -16.65
N GLU A 494 10.24 -3.37 -16.86
CA GLU A 494 10.40 -4.11 -18.12
C GLU A 494 9.86 -3.39 -19.34
N GLN A 495 9.19 -2.24 -19.18
CA GLN A 495 8.71 -1.49 -20.34
C GLN A 495 9.54 -0.25 -20.63
N ILE A 496 10.55 0.03 -19.81
CA ILE A 496 11.44 1.17 -20.01
C ILE A 496 12.39 0.87 -21.15
N LYS A 497 12.66 1.85 -22.02
CA LYS A 497 13.54 1.64 -23.18
C LYS A 497 14.64 2.69 -23.27
N PRO A 498 15.92 2.30 -23.42
CA PRO A 498 16.99 3.29 -23.62
C PRO A 498 16.96 3.98 -24.97
N VAL A 499 17.83 4.97 -25.22
CA VAL A 499 17.95 5.54 -26.58
C VAL A 499 19.03 4.79 -27.35
N1 II1 B . 1.07 -5.23 5.66
C2 II1 B . -0.23 -5.86 5.88
C3 II1 B . -0.88 -6.11 4.51
O3 II1 B . 1.70 -5.25 2.98
C4 II1 B . -0.56 -5.29 2.25
C5 II1 B . -0.81 -4.10 1.31
C6 II1 B . 0.16 -2.95 1.52
N II1 B . 2.62 -3.46 5.02
C II1 B . 2.91 -3.92 6.40
O II1 B . 0.19 -2.10 0.48
C1 II1 B . 1.61 -4.56 6.86
C7 II1 B . 0.90 -5.71 2.17
C8 II1 B . -0.34 -7.06 6.83
C9 II1 B . 4.00 -4.99 6.56
N2 II1 B . -0.74 -4.92 3.66
O1 II1 B . 0.84 -2.82 2.53
O2 II1 B . 1.16 -6.57 1.15
O4 II1 B . 0.80 -7.61 7.16
O5 II1 B . -1.42 -7.44 7.27
O6 II1 B . 4.85 -5.15 5.54
O7 II1 B . 4.04 -5.67 7.58
NI NI C . 0.87 -3.91 4.19
#